data_3W76
#
_entry.id   3W76
#
_cell.length_a   67.744
_cell.length_b   71.694
_cell.length_c   128.829
_cell.angle_alpha   90.000
_cell.angle_beta   90.000
_cell.angle_gamma   90.000
#
_symmetry.space_group_name_H-M   'P 21 21 21'
#
loop_
_entity.id
_entity.type
_entity.pdbx_description
1 polymer 'Dihydroorotate dehydrogenase (fumarate)'
2 non-polymer '5-[2-(3-methoxyphenyl)ethyl]-2,6-dioxo-1,2,3,6-tetrahydropyrimidine-4-carboxylic acid'
3 non-polymer GLYCEROL
4 non-polymer 'FLAVIN MONONUCLEOTIDE'
5 non-polymer 'COBALT HEXAMMINE(III)'
6 water water
#
_entity_poly.entity_id   1
_entity_poly.type   'polypeptide(L)'
_entity_poly.pdbx_seq_one_letter_code
;MCLKLNLLDHVFANPFMNAAGVLCSTEEDLRCMTASSSGALVSKSCTSAPRDGNPEPRYMAFPLGSINSMGLPNLGFDFY
LKYASDLHDYSKKPLFLSISGLSVEENVAMVRRLAPVAQEKGVLLELNLSCPNVPGKPQVAYDFEAMRTYLQQVSLAYGL
PFGVKMPPYFDIAHFDTAAAVLNEFPLVKFVTCVNSVGNGLVIDAESESVVIKPKQGFGGLGGKYILPTALANVNAFYRR
CPDKLVFGCGGVYSGEDAFLHILAGASMVQVGTALQEEGPGIFTRLEDELLEIMARKGYRTLEEFRGRVKTIE
;
_entity_poly.pdbx_strand_id   A,B
#
# COMPACT_ATOMS: atom_id res chain seq x y z
N MET A 1 5.61 23.54 -29.50
CA MET A 1 5.99 22.53 -28.43
C MET A 1 5.27 21.16 -28.54
N CYS A 2 6.08 20.13 -28.45
CA CYS A 2 5.58 18.73 -28.54
C CYS A 2 6.33 17.92 -27.51
N LEU A 3 5.74 16.76 -27.15
CA LEU A 3 6.16 15.88 -26.03
C LEU A 3 6.97 14.68 -26.56
N LYS A 4 7.46 14.66 -27.84
CA LYS A 4 8.10 13.46 -28.41
C LYS A 4 9.44 13.24 -27.74
N LEU A 5 9.75 11.97 -27.59
CA LEU A 5 10.97 11.52 -26.99
C LEU A 5 11.46 10.22 -27.59
N ASN A 6 12.73 9.88 -27.33
CA ASN A 6 13.42 8.70 -27.81
C ASN A 6 13.90 7.99 -26.65
N LEU A 7 13.48 6.70 -26.53
CA LEU A 7 13.96 5.75 -25.55
C LEU A 7 14.13 4.36 -26.13
N LEU A 8 15.09 3.61 -25.64
CA LEU A 8 15.26 2.19 -25.98
C LEU A 8 15.38 2.09 -27.55
N ASP A 9 15.96 3.09 -28.17
CA ASP A 9 16.13 3.09 -29.65
C ASP A 9 14.82 3.12 -30.41
N HIS A 10 13.81 3.67 -29.75
CA HIS A 10 12.53 3.91 -30.36
C HIS A 10 12.10 5.35 -30.18
N VAL A 11 11.28 5.86 -31.11
CA VAL A 11 10.72 7.19 -31.02
C VAL A 11 9.29 7.05 -30.53
N PHE A 12 8.94 7.95 -29.57
CA PHE A 12 7.61 8.03 -28.95
C PHE A 12 7.02 9.45 -29.15
N ALA A 13 5.77 9.56 -29.55
CA ALA A 13 5.11 10.90 -29.79
C ALA A 13 4.93 11.66 -28.49
N ASN A 14 4.88 10.90 -27.39
CA ASN A 14 4.61 11.44 -26.04
C ASN A 14 4.91 10.28 -25.06
N PRO A 15 5.00 10.59 -23.77
CA PRO A 15 5.36 9.54 -22.83
C PRO A 15 4.20 8.68 -22.36
N PHE A 16 3.00 8.84 -22.86
CA PHE A 16 1.88 8.09 -22.34
C PHE A 16 1.64 6.79 -23.03
N MET A 17 1.21 5.80 -22.24
CA MET A 17 0.72 4.54 -22.77
C MET A 17 -0.27 3.92 -21.79
N ASN A 18 -1.01 2.90 -22.23
CA ASN A 18 -1.80 2.15 -21.31
C ASN A 18 -0.92 1.36 -20.38
N ALA A 19 -1.49 1.07 -19.22
CA ALA A 19 -1.01 0.10 -18.27
C ALA A 19 -1.37 -1.31 -18.75
N ALA A 20 -0.43 -2.25 -18.58
CA ALA A 20 -0.76 -3.60 -18.98
C ALA A 20 -2.03 -4.08 -18.36
N GLY A 21 -2.86 -4.78 -19.11
CA GLY A 21 -4.13 -5.28 -18.65
C GLY A 21 -5.35 -4.43 -18.99
N VAL A 22 -5.11 -3.10 -19.22
CA VAL A 22 -6.22 -2.21 -19.55
C VAL A 22 -6.25 -1.91 -21.03
N LEU A 23 -7.38 -2.18 -21.65
CA LEU A 23 -7.61 -1.91 -23.07
C LEU A 23 -6.61 -2.55 -23.97
N CYS A 24 -6.34 -3.82 -23.74
CA CYS A 24 -5.23 -4.44 -24.48
C CYS A 24 -5.26 -5.96 -24.57
N SER A 25 -6.44 -6.53 -24.42
CA SER A 25 -6.59 -7.96 -24.38
C SER A 25 -6.90 -8.62 -25.72
N THR A 26 -7.74 -7.98 -26.48
CA THR A 26 -8.16 -8.49 -27.77
C THR A 26 -7.58 -7.67 -28.90
N GLU A 27 -7.74 -8.20 -30.13
CA GLU A 27 -7.28 -7.48 -31.31
C GLU A 27 -8.02 -6.10 -31.41
N GLU A 28 -9.30 -6.12 -31.10
CA GLU A 28 -10.08 -4.87 -31.03
C GLU A 28 -9.43 -3.90 -30.09
N ASP A 29 -9.08 -4.36 -28.90
CA ASP A 29 -8.52 -3.47 -27.91
C ASP A 29 -7.19 -2.86 -28.35
N LEU A 30 -6.31 -3.68 -28.98
CA LEU A 30 -5.00 -3.29 -29.40
C LEU A 30 -5.09 -2.34 -30.58
N ARG A 31 -6.07 -2.55 -31.47
CA ARG A 31 -6.31 -1.59 -32.56
C ARG A 31 -6.82 -0.25 -32.04
N CYS A 32 -7.66 -0.30 -30.99
CA CYS A 32 -8.19 0.91 -30.33
C CYS A 32 -7.02 1.69 -29.73
N MET A 33 -6.17 1.02 -28.92
CA MET A 33 -5.01 1.70 -28.36
C MET A 33 -4.07 2.23 -29.41
N THR A 34 -3.95 1.54 -30.55
CA THR A 34 -3.11 1.99 -31.59
C THR A 34 -3.66 3.25 -32.23
N ALA A 35 -4.97 3.31 -32.38
CA ALA A 35 -5.61 4.48 -32.93
C ALA A 35 -5.68 5.67 -32.02
N SER A 36 -5.44 5.49 -30.75
CA SER A 36 -5.44 6.55 -29.78
C SER A 36 -4.24 7.47 -29.95
N SER A 37 -4.24 8.55 -29.21
CA SER A 37 -3.11 9.43 -29.19
C SER A 37 -1.99 9.03 -28.27
N SER A 38 -2.08 7.86 -27.61
CA SER A 38 -0.98 7.44 -26.77
C SER A 38 0.33 7.31 -27.53
N GLY A 39 1.46 7.51 -26.85
CA GLY A 39 2.74 7.35 -27.45
C GLY A 39 3.14 5.93 -27.69
N ALA A 40 2.60 4.98 -26.92
CA ALA A 40 2.94 3.54 -27.08
C ALA A 40 1.72 2.74 -26.55
N LEU A 41 1.79 1.43 -26.71
CA LEU A 41 0.82 0.55 -26.07
C LEU A 41 1.50 -0.70 -25.60
N VAL A 42 0.92 -1.34 -24.63
CA VAL A 42 1.41 -2.62 -24.08
C VAL A 42 0.24 -3.63 -24.08
N SER A 43 0.54 -4.87 -24.44
CA SER A 43 -0.48 -5.91 -24.43
C SER A 43 -0.77 -6.45 -23.06
N LYS A 44 -1.88 -7.16 -22.94
CA LYS A 44 -2.27 -7.84 -21.72
C LYS A 44 -1.21 -8.85 -21.38
N SER A 45 -0.88 -9.02 -20.11
CA SER A 45 0.12 -10.00 -19.75
C SER A 45 -0.42 -11.37 -20.16
N CYS A 46 0.48 -12.12 -20.81
CA CYS A 46 0.04 -13.42 -21.35
C CYS A 46 0.74 -14.60 -20.72
N THR A 47 0.05 -15.73 -20.94
CA THR A 47 0.50 -17.06 -20.56
C THR A 47 0.64 -17.87 -21.84
N SER A 48 1.29 -19.06 -21.75
CA SER A 48 1.47 -19.83 -22.97
C SER A 48 0.16 -20.28 -23.57
N ALA A 49 -0.75 -20.72 -22.70
CA ALA A 49 -2.11 -21.09 -23.11
C ALA A 49 -3.12 -19.96 -22.81
N PRO A 50 -4.18 -19.86 -23.56
CA PRO A 50 -5.32 -18.97 -23.20
C PRO A 50 -5.85 -19.24 -21.83
N ARG A 51 -6.37 -18.18 -21.17
CA ARG A 51 -7.03 -18.34 -19.86
C ARG A 51 -8.30 -17.57 -19.88
N ASP A 52 -9.33 -18.14 -19.20
CA ASP A 52 -10.58 -17.42 -19.08
C ASP A 52 -10.50 -16.41 -17.88
N GLY A 53 -9.58 -16.61 -16.95
CA GLY A 53 -9.54 -15.76 -15.76
C GLY A 53 -10.56 -16.18 -14.73
N ASN A 54 -10.79 -15.28 -13.80
CA ASN A 54 -11.67 -15.52 -12.69
C ASN A 54 -13.11 -15.18 -12.97
N PRO A 55 -14.00 -15.70 -12.08
CA PRO A 55 -15.42 -15.39 -12.21
C PRO A 55 -15.71 -13.88 -12.00
N GLU A 56 -16.74 -13.38 -12.66
CA GLU A 56 -17.19 -11.99 -12.58
C GLU A 56 -18.19 -11.88 -11.43
N PRO A 57 -18.28 -10.73 -10.77
CA PRO A 57 -17.49 -9.55 -11.05
C PRO A 57 -16.07 -9.61 -10.51
N ARG A 58 -15.13 -9.10 -11.31
CA ARG A 58 -13.71 -9.21 -11.03
C ARG A 58 -12.90 -7.88 -11.15
N TYR A 59 -13.59 -6.83 -11.54
CA TYR A 59 -13.11 -5.46 -11.57
C TYR A 59 -14.24 -4.56 -11.13
N MET A 60 -13.92 -3.61 -10.26
CA MET A 60 -14.81 -2.54 -9.96
C MET A 60 -14.10 -1.26 -9.67
N ALA A 61 -14.70 -0.16 -10.04
CA ALA A 61 -14.16 1.17 -9.83
C ALA A 61 -15.04 2.11 -9.11
N PHE A 62 -14.37 3.05 -8.45
CA PHE A 62 -14.92 3.99 -7.48
C PHE A 62 -14.26 5.30 -7.60
N PRO A 63 -14.80 6.34 -6.91
CA PRO A 63 -14.17 7.66 -7.09
C PRO A 63 -12.68 7.73 -6.83
N LEU A 64 -12.21 6.92 -5.89
CA LEU A 64 -10.80 6.98 -5.56
C LEU A 64 -9.94 5.88 -6.21
N GLY A 65 -10.55 5.00 -6.98
CA GLY A 65 -9.73 4.01 -7.69
C GLY A 65 -10.46 2.74 -8.00
N SER A 66 -9.70 1.69 -8.14
CA SER A 66 -10.25 0.44 -8.57
C SER A 66 -9.66 -0.72 -7.79
N ILE A 67 -10.38 -1.84 -7.86
CA ILE A 67 -9.91 -3.11 -7.31
C ILE A 67 -10.15 -4.19 -8.41
N ASN A 68 -9.20 -5.10 -8.54
CA ASN A 68 -9.35 -6.18 -9.54
C ASN A 68 -8.74 -7.46 -9.02
N SER A 69 -9.43 -8.57 -9.43
CA SER A 69 -8.82 -9.92 -9.35
C SER A 69 -9.13 -10.60 -10.67
N MET A 70 -8.57 -10.11 -11.77
CA MET A 70 -8.94 -10.58 -13.06
C MET A 70 -8.59 -12.04 -13.23
N GLY A 71 -7.47 -12.47 -12.72
CA GLY A 71 -6.95 -13.82 -12.92
C GLY A 71 -6.26 -14.10 -14.20
N LEU A 72 -5.55 -13.13 -14.73
CA LEU A 72 -4.82 -13.25 -15.96
C LEU A 72 -5.65 -13.79 -17.11
N PRO A 73 -6.83 -13.27 -17.37
CA PRO A 73 -7.57 -13.67 -18.60
C PRO A 73 -6.75 -13.19 -19.77
N ASN A 74 -6.52 -14.02 -20.78
CA ASN A 74 -5.76 -13.58 -21.95
C ASN A 74 -5.91 -14.58 -23.09
N LEU A 75 -5.61 -14.13 -24.27
CA LEU A 75 -5.82 -14.93 -25.47
C LEU A 75 -4.68 -15.91 -25.73
N GLY A 76 -3.68 -15.92 -24.87
CA GLY A 76 -2.54 -16.79 -25.10
C GLY A 76 -1.44 -16.14 -25.90
N PHE A 77 -0.21 -16.57 -25.56
CA PHE A 77 0.97 -16.03 -26.16
C PHE A 77 0.96 -16.07 -27.68
N ASP A 78 0.47 -17.18 -28.30
CA ASP A 78 0.51 -17.21 -29.76
C ASP A 78 -0.21 -16.05 -30.44
N PHE A 79 -1.29 -15.65 -29.80
CA PHE A 79 -2.07 -14.54 -30.27
C PHE A 79 -1.29 -13.21 -30.18
N TYR A 80 -0.71 -12.94 -29.00
CA TYR A 80 0.02 -11.68 -28.84
C TYR A 80 1.26 -11.63 -29.71
N LEU A 81 1.95 -12.79 -29.88
CA LEU A 81 3.11 -12.84 -30.75
C LEU A 81 2.70 -12.59 -32.18
N LYS A 82 1.58 -13.15 -32.63
CA LYS A 82 1.07 -12.90 -33.94
C LYS A 82 0.69 -11.46 -34.19
N TYR A 83 0.03 -10.87 -33.16
CA TYR A 83 -0.20 -9.45 -33.19
C TYR A 83 1.09 -8.67 -33.40
N ALA A 84 2.12 -8.95 -32.59
CA ALA A 84 3.41 -8.26 -32.72
C ALA A 84 4.08 -8.53 -34.08
N SER A 85 3.93 -9.74 -34.58
CA SER A 85 4.73 -10.11 -35.81
C SER A 85 4.02 -9.72 -37.06
N ASP A 86 2.68 -9.77 -37.12
CA ASP A 86 1.92 -9.59 -38.36
C ASP A 86 0.93 -8.46 -38.39
N LEU A 87 0.38 -8.05 -37.24
CA LEU A 87 -0.78 -7.17 -37.24
C LEU A 87 -0.48 -5.69 -36.85
N HIS A 88 0.42 -5.53 -35.90
CA HIS A 88 0.68 -4.21 -35.37
C HIS A 88 1.33 -3.33 -36.44
N ASP A 89 0.86 -2.08 -36.46
CA ASP A 89 1.43 -1.08 -37.34
C ASP A 89 2.48 -0.21 -36.60
N TYR A 90 3.75 -0.57 -36.74
CA TYR A 90 4.83 0.05 -36.04
C TYR A 90 5.07 1.47 -36.55
N SER A 91 4.49 1.84 -37.66
CA SER A 91 4.64 3.22 -38.10
C SER A 91 3.79 4.14 -37.22
N LYS A 92 2.80 3.57 -36.49
CA LYS A 92 1.93 4.36 -35.63
C LYS A 92 2.54 4.65 -34.24
N LYS A 93 3.11 3.60 -33.63
CA LYS A 93 3.75 3.72 -32.32
C LYS A 93 4.40 2.43 -31.92
N PRO A 94 5.27 2.48 -30.91
CA PRO A 94 5.87 1.30 -30.40
C PRO A 94 4.95 0.37 -29.67
N LEU A 95 5.24 -0.92 -29.69
CA LEU A 95 4.51 -1.93 -28.99
C LEU A 95 5.36 -2.59 -27.95
N PHE A 96 4.84 -2.77 -26.73
CA PHE A 96 5.35 -3.62 -25.71
C PHE A 96 4.47 -4.86 -25.53
N LEU A 97 5.11 -6.03 -25.40
CA LEU A 97 4.37 -7.20 -25.09
C LEU A 97 4.67 -7.60 -23.63
N SER A 98 3.63 -7.79 -22.81
CA SER A 98 3.81 -8.19 -21.41
C SER A 98 3.64 -9.68 -21.32
N ILE A 99 4.57 -10.35 -20.62
CA ILE A 99 4.48 -11.80 -20.39
C ILE A 99 4.42 -12.07 -18.89
N SER A 100 3.60 -12.97 -18.48
CA SER A 100 3.44 -13.36 -17.13
C SER A 100 3.22 -14.86 -17.08
N GLY A 101 4.27 -15.61 -17.42
CA GLY A 101 4.18 -17.10 -17.21
C GLY A 101 4.11 -17.44 -15.75
N LEU A 102 3.48 -18.59 -15.51
CA LEU A 102 3.27 -19.07 -14.12
C LEU A 102 4.51 -19.83 -13.54
N SER A 103 5.57 -19.93 -14.35
CA SER A 103 6.86 -20.49 -13.91
C SER A 103 7.95 -19.94 -14.74
N VAL A 104 9.17 -20.08 -14.24
CA VAL A 104 10.27 -19.67 -14.97
C VAL A 104 10.36 -20.32 -16.33
N GLU A 105 10.05 -21.63 -16.39
CA GLU A 105 10.18 -22.35 -17.66
C GLU A 105 9.24 -21.85 -18.75
N GLU A 106 8.04 -21.48 -18.30
CA GLU A 106 7.04 -20.92 -19.21
C GLU A 106 7.51 -19.57 -19.76
N ASN A 107 8.01 -18.71 -18.87
CA ASN A 107 8.57 -17.44 -19.36
C ASN A 107 9.73 -17.66 -20.32
N VAL A 108 10.64 -18.60 -19.99
CA VAL A 108 11.71 -18.91 -20.90
C VAL A 108 11.22 -19.32 -22.30
N ALA A 109 10.25 -20.22 -22.29
CA ALA A 109 9.69 -20.68 -23.54
C ALA A 109 9.09 -19.57 -24.41
N MET A 110 8.37 -18.63 -23.78
CA MET A 110 7.83 -17.54 -24.52
C MET A 110 8.90 -16.58 -25.01
N VAL A 111 9.85 -16.17 -24.12
CA VAL A 111 10.81 -15.21 -24.52
C VAL A 111 11.73 -15.71 -25.67
N ARG A 112 11.98 -17.05 -25.68
CA ARG A 112 12.83 -17.61 -26.79
C ARG A 112 12.16 -17.40 -28.13
N ARG A 113 10.83 -17.45 -28.13
CA ARG A 113 10.05 -17.19 -29.33
C ARG A 113 9.86 -15.68 -29.69
N LEU A 114 9.84 -14.82 -28.65
CA LEU A 114 9.70 -13.42 -28.89
C LEU A 114 10.95 -12.79 -29.48
N ALA A 115 12.12 -13.30 -29.02
CA ALA A 115 13.40 -12.70 -29.40
C ALA A 115 13.53 -12.37 -30.88
N PRO A 116 13.31 -13.34 -31.82
CA PRO A 116 13.44 -12.90 -33.24
C PRO A 116 12.43 -11.93 -33.76
N VAL A 117 11.23 -11.91 -33.17
CA VAL A 117 10.29 -10.86 -33.47
C VAL A 117 10.69 -9.47 -32.93
N ALA A 118 11.26 -9.47 -31.71
CA ALA A 118 11.90 -8.26 -31.22
C ALA A 118 13.01 -7.75 -32.12
N GLN A 119 13.90 -8.64 -32.57
CA GLN A 119 14.94 -8.23 -33.52
C GLN A 119 14.36 -7.70 -34.81
N GLU A 120 13.39 -8.35 -35.40
CA GLU A 120 12.90 -8.03 -36.73
C GLU A 120 11.96 -6.81 -36.73
N LYS A 121 11.04 -6.73 -35.75
CA LYS A 121 9.99 -5.77 -35.71
C LYS A 121 10.18 -4.65 -34.64
N GLY A 122 10.96 -4.90 -33.64
CA GLY A 122 11.26 -3.94 -32.55
C GLY A 122 10.27 -3.98 -31.40
N VAL A 123 9.37 -4.96 -31.37
CA VAL A 123 8.51 -5.12 -30.13
C VAL A 123 9.39 -5.20 -28.92
N LEU A 124 8.94 -4.60 -27.80
CA LEU A 124 9.65 -4.58 -26.58
C LEU A 124 9.03 -5.46 -25.53
N LEU A 125 9.82 -6.15 -24.77
CA LEU A 125 9.32 -7.06 -23.74
C LEU A 125 9.19 -6.38 -22.35
N GLU A 126 8.02 -6.44 -21.75
CA GLU A 126 7.81 -6.12 -20.34
C GLU A 126 7.47 -7.39 -19.60
N LEU A 127 8.38 -7.89 -18.73
CA LEU A 127 8.24 -9.06 -17.95
C LEU A 127 7.52 -8.78 -16.66
N ASN A 128 6.32 -9.33 -16.49
CA ASN A 128 5.54 -9.12 -15.29
C ASN A 128 5.89 -10.09 -14.19
N LEU A 129 6.49 -9.60 -13.11
CA LEU A 129 6.81 -10.49 -11.99
C LEU A 129 5.68 -10.85 -11.05
N SER A 130 4.51 -10.31 -11.24
CA SER A 130 3.34 -10.65 -10.36
C SER A 130 2.47 -11.77 -10.95
N CYS A 131 1.90 -12.63 -10.11
CA CYS A 131 1.15 -13.79 -10.58
C CYS A 131 0.11 -14.18 -9.53
N PRO A 132 -0.89 -14.94 -9.95
CA PRO A 132 -1.83 -15.46 -8.92
C PRO A 132 -1.12 -16.15 -7.76
N ASN A 133 -1.68 -15.99 -6.54
CA ASN A 133 -1.14 -16.49 -5.30
C ASN A 133 -1.06 -18.04 -5.45
N VAL A 134 0.06 -18.54 -4.97
CA VAL A 134 0.28 -19.95 -4.70
C VAL A 134 0.49 -20.12 -3.18
N PRO A 135 -0.41 -20.85 -2.48
CA PRO A 135 -0.25 -20.97 -1.04
C PRO A 135 1.12 -21.46 -0.66
N GLY A 136 1.68 -20.82 0.37
CA GLY A 136 2.97 -21.14 0.80
C GLY A 136 4.17 -20.43 0.20
N LYS A 137 3.93 -19.64 -0.86
CA LYS A 137 5.02 -19.00 -1.63
C LYS A 137 4.67 -17.52 -1.80
N PRO A 138 5.63 -16.61 -1.56
CA PRO A 138 5.30 -15.22 -1.83
C PRO A 138 5.39 -14.89 -3.33
N GLN A 139 4.81 -13.76 -3.75
CA GLN A 139 5.04 -13.26 -5.08
C GLN A 139 6.56 -13.22 -5.37
N VAL A 140 6.89 -13.49 -6.63
CA VAL A 140 8.28 -13.55 -7.13
C VAL A 140 9.03 -12.31 -6.74
N ALA A 141 8.46 -11.12 -7.01
CA ALA A 141 9.23 -9.91 -6.63
C ALA A 141 9.41 -9.63 -5.17
N TYR A 142 8.69 -10.40 -4.30
CA TYR A 142 8.81 -10.35 -2.92
C TYR A 142 9.66 -11.52 -2.31
N ASP A 143 10.27 -12.25 -3.24
CA ASP A 143 11.19 -13.39 -2.91
C ASP A 143 12.45 -13.18 -3.77
N PHE A 144 13.41 -12.51 -3.17
CA PHE A 144 14.52 -11.91 -3.97
C PHE A 144 15.31 -13.03 -4.62
N GLU A 145 15.39 -14.21 -4.01
CA GLU A 145 16.10 -15.28 -4.73
C GLU A 145 15.33 -15.79 -5.95
N ALA A 146 14.01 -15.91 -5.86
CA ALA A 146 13.22 -16.27 -6.99
C ALA A 146 13.38 -15.21 -8.08
N MET A 147 13.31 -13.92 -7.68
CA MET A 147 13.44 -12.84 -8.68
C MET A 147 14.76 -12.95 -9.45
N ARG A 148 15.85 -13.13 -8.71
CA ARG A 148 17.18 -13.31 -9.34
C ARG A 148 17.15 -14.47 -10.36
N THR A 149 16.56 -15.60 -9.97
CA THR A 149 16.40 -16.76 -10.96
C THR A 149 15.62 -16.42 -12.20
N TYR A 150 14.45 -15.80 -12.03
CA TYR A 150 13.70 -15.45 -13.17
C TYR A 150 14.52 -14.56 -14.10
N LEU A 151 15.18 -13.54 -13.53
CA LEU A 151 15.88 -12.63 -14.37
C LEU A 151 17.07 -13.24 -15.03
N GLN A 152 17.75 -14.12 -14.30
CA GLN A 152 18.92 -14.83 -14.88
C GLN A 152 18.46 -15.66 -16.09
N GLN A 153 17.41 -16.43 -15.88
CA GLN A 153 16.90 -17.33 -16.92
C GLN A 153 16.31 -16.59 -18.10
N VAL A 154 15.52 -15.52 -17.87
CA VAL A 154 15.04 -14.73 -18.96
C VAL A 154 16.12 -14.01 -19.71
N SER A 155 17.05 -13.39 -18.99
CA SER A 155 18.15 -12.74 -19.66
C SER A 155 18.89 -13.70 -20.62
N LEU A 156 19.17 -14.89 -20.12
CA LEU A 156 19.87 -15.88 -20.98
C LEU A 156 19.04 -16.33 -22.19
N ALA A 157 17.76 -16.58 -21.96
CA ALA A 157 16.85 -17.09 -23.00
C ALA A 157 16.54 -16.04 -24.03
N TYR A 158 16.39 -14.75 -23.61
CA TYR A 158 16.04 -13.70 -24.50
C TYR A 158 17.18 -12.99 -25.17
N GLY A 159 18.17 -12.60 -24.36
CA GLY A 159 19.38 -12.03 -24.95
C GLY A 159 19.35 -10.60 -25.40
N LEU A 160 18.23 -9.87 -25.20
CA LEU A 160 18.06 -8.56 -25.73
C LEU A 160 17.54 -7.67 -24.54
N PRO A 161 17.63 -6.40 -24.71
CA PRO A 161 17.09 -5.44 -23.70
C PRO A 161 15.62 -5.70 -23.44
N PHE A 162 15.24 -5.73 -22.16
CA PHE A 162 13.85 -5.89 -21.77
C PHE A 162 13.58 -5.10 -20.50
N GLY A 163 12.32 -5.08 -20.11
CA GLY A 163 11.94 -4.46 -18.87
C GLY A 163 11.20 -5.36 -17.96
N VAL A 164 10.99 -4.92 -16.73
CA VAL A 164 10.33 -5.66 -15.72
C VAL A 164 9.28 -4.80 -15.00
N LYS A 165 8.07 -5.33 -14.96
CA LYS A 165 6.92 -4.74 -14.18
C LYS A 165 7.03 -5.23 -12.71
N MET A 166 7.13 -4.27 -11.76
CA MET A 166 7.30 -4.55 -10.34
C MET A 166 6.06 -4.24 -9.55
N PRO A 167 5.72 -5.02 -8.56
CA PRO A 167 4.79 -4.57 -7.51
C PRO A 167 5.47 -3.54 -6.62
N PRO A 168 4.66 -2.80 -5.84
CA PRO A 168 5.23 -1.84 -4.93
C PRO A 168 5.91 -2.47 -3.76
N TYR A 169 6.93 -1.76 -3.30
CA TYR A 169 7.62 -1.99 -2.04
C TYR A 169 7.35 -0.86 -1.06
N PHE A 170 7.44 -1.20 0.24
CA PHE A 170 7.01 -0.31 1.30
C PHE A 170 8.05 -0.13 2.40
N ASP A 171 9.28 -0.59 2.12
CA ASP A 171 10.32 -0.65 3.17
C ASP A 171 11.65 -0.30 2.45
N ILE A 172 12.45 0.56 3.06
CA ILE A 172 13.66 1.03 2.39
C ILE A 172 14.65 -0.09 2.19
N ALA A 173 14.78 -1.03 3.13
CA ALA A 173 15.61 -2.18 2.89
C ALA A 173 15.20 -3.00 1.70
N HIS A 174 13.90 -3.12 1.46
CA HIS A 174 13.42 -3.82 0.35
C HIS A 174 13.76 -3.11 -0.94
N PHE A 175 13.60 -1.77 -0.99
CA PHE A 175 14.07 -1.00 -2.15
C PHE A 175 15.55 -1.31 -2.42
N ASP A 176 16.36 -1.30 -1.38
CA ASP A 176 17.80 -1.52 -1.58
C ASP A 176 18.08 -2.91 -2.14
N THR A 177 17.36 -3.92 -1.61
CA THR A 177 17.63 -5.29 -2.05
C THR A 177 17.12 -5.50 -3.47
N ALA A 178 15.90 -5.03 -3.74
CA ALA A 178 15.29 -5.19 -5.07
C ALA A 178 16.09 -4.53 -6.13
N ALA A 179 16.55 -3.30 -5.90
CA ALA A 179 17.30 -2.54 -6.92
C ALA A 179 18.65 -3.27 -7.16
N ALA A 180 19.26 -3.77 -6.10
CA ALA A 180 20.53 -4.48 -6.26
C ALA A 180 20.30 -5.72 -7.10
N VAL A 181 19.24 -6.48 -6.89
CA VAL A 181 18.90 -7.59 -7.79
C VAL A 181 18.82 -7.07 -9.22
N LEU A 182 17.98 -6.06 -9.49
CA LEU A 182 17.81 -5.63 -10.82
C LEU A 182 19.11 -5.16 -11.48
N ASN A 183 19.96 -4.51 -10.70
CA ASN A 183 21.21 -4.00 -11.20
C ASN A 183 22.26 -5.12 -11.53
N GLU A 184 21.92 -6.34 -11.17
CA GLU A 184 22.77 -7.53 -11.57
C GLU A 184 22.57 -7.86 -13.03
N PHE A 185 21.51 -7.34 -13.66
CA PHE A 185 21.10 -7.72 -15.02
C PHE A 185 21.17 -6.57 -16.01
N PRO A 186 22.24 -6.46 -16.78
CA PRO A 186 22.36 -5.39 -17.68
C PRO A 186 21.33 -5.31 -18.78
N LEU A 187 20.73 -6.47 -19.10
CA LEU A 187 19.72 -6.44 -20.16
C LEU A 187 18.39 -5.84 -19.64
N VAL A 188 18.25 -5.70 -18.31
CA VAL A 188 17.01 -5.05 -17.77
C VAL A 188 17.21 -3.57 -17.96
N LYS A 189 16.64 -3.00 -19.01
CA LYS A 189 16.87 -1.63 -19.38
C LYS A 189 15.76 -0.64 -18.87
N PHE A 190 14.62 -1.21 -18.45
CA PHE A 190 13.55 -0.33 -17.87
C PHE A 190 12.86 -1.11 -16.77
N VAL A 191 12.35 -0.41 -15.74
CA VAL A 191 11.71 -0.97 -14.61
C VAL A 191 10.37 -0.21 -14.58
N THR A 192 9.26 -0.89 -14.56
CA THR A 192 7.94 -0.21 -14.48
C THR A 192 7.44 -0.35 -13.07
N CYS A 193 7.22 0.83 -12.44
CA CYS A 193 6.83 0.94 -11.06
C CYS A 193 5.53 1.72 -11.09
N VAL A 194 4.34 1.18 -10.75
CA VAL A 194 4.12 -0.08 -10.10
C VAL A 194 2.93 -0.81 -10.64
N ASN A 195 2.92 -2.13 -10.40
CA ASN A 195 1.69 -2.90 -10.45
C ASN A 195 0.72 -2.46 -9.35
N SER A 196 -0.49 -3.00 -9.35
CA SER A 196 -1.53 -2.68 -8.38
C SER A 196 -1.02 -3.01 -6.96
N VAL A 197 -1.51 -2.27 -6.00
CA VAL A 197 -1.17 -2.46 -4.57
C VAL A 197 -1.95 -3.73 -4.09
N GLY A 198 -1.25 -4.79 -3.77
CA GLY A 198 -1.84 -6.06 -3.64
C GLY A 198 -2.80 -6.22 -2.49
N ASN A 199 -3.82 -7.02 -2.78
CA ASN A 199 -4.71 -7.58 -1.76
C ASN A 199 -5.31 -6.51 -0.85
N GLY A 200 -5.86 -5.47 -1.46
CA GLY A 200 -6.84 -4.61 -0.79
C GLY A 200 -8.24 -5.21 -0.76
N LEU A 201 -9.15 -4.56 -0.07
CA LEU A 201 -10.51 -5.07 0.14
C LEU A 201 -11.46 -3.96 0.18
N VAL A 202 -12.33 -3.90 -0.84
CA VAL A 202 -13.36 -2.88 -0.91
C VAL A 202 -14.69 -3.48 -0.48
N ILE A 203 -15.35 -2.82 0.44
CA ILE A 203 -16.62 -3.29 1.01
C ILE A 203 -17.69 -2.21 0.73
N ASP A 204 -18.86 -2.64 0.27
CA ASP A 204 -20.03 -1.74 0.09
C ASP A 204 -20.88 -1.68 1.35
N ALA A 205 -21.04 -0.50 1.92
CA ALA A 205 -21.76 -0.40 3.17
C ALA A 205 -23.24 -0.76 3.06
N GLU A 206 -23.88 -0.39 1.95
CA GLU A 206 -25.33 -0.67 1.84
C GLU A 206 -25.64 -2.19 1.84
N SER A 207 -24.89 -2.94 0.99
CA SER A 207 -25.06 -4.36 0.82
C SER A 207 -24.32 -5.18 1.82
N GLU A 208 -23.39 -4.50 2.50
CA GLU A 208 -22.56 -5.20 3.52
C GLU A 208 -21.70 -6.27 2.87
N SER A 209 -21.32 -6.14 1.60
CA SER A 209 -20.64 -7.14 0.83
C SER A 209 -19.36 -6.58 0.22
N VAL A 210 -18.43 -7.51 0.01
CA VAL A 210 -17.38 -7.23 -0.88
C VAL A 210 -17.92 -7.01 -2.30
N VAL A 211 -17.09 -6.39 -3.17
CA VAL A 211 -17.57 -5.96 -4.50
C VAL A 211 -17.03 -6.74 -5.66
N ILE A 212 -16.05 -7.59 -5.42
CA ILE A 212 -15.60 -8.58 -6.38
C ILE A 212 -15.70 -10.00 -5.83
N LYS A 213 -15.99 -10.93 -6.74
CA LYS A 213 -16.27 -12.32 -6.41
C LYS A 213 -15.04 -13.14 -6.04
N PRO A 214 -13.95 -13.12 -6.82
CA PRO A 214 -12.83 -13.99 -6.51
C PRO A 214 -12.17 -13.60 -5.16
N LYS A 215 -11.45 -14.55 -4.58
N LYS A 215 -11.51 -14.61 -4.58
CA LYS A 215 -10.55 -14.22 -3.45
CA LYS A 215 -10.61 -14.41 -3.43
C LYS A 215 -11.27 -13.60 -2.25
C LYS A 215 -11.27 -13.63 -2.29
N GLN A 216 -12.53 -13.93 -2.02
CA GLN A 216 -13.31 -13.36 -0.94
C GLN A 216 -13.28 -11.82 -0.95
N GLY A 217 -13.20 -11.24 -2.13
CA GLY A 217 -13.23 -9.81 -2.34
C GLY A 217 -11.90 -9.16 -2.42
N PHE A 218 -10.82 -9.88 -2.15
CA PHE A 218 -9.49 -9.28 -2.07
C PHE A 218 -8.97 -9.09 -3.54
N GLY A 219 -8.30 -7.96 -3.85
CA GLY A 219 -7.77 -7.69 -5.13
C GLY A 219 -6.81 -6.56 -5.19
N GLY A 220 -6.15 -6.39 -6.31
CA GLY A 220 -5.18 -5.30 -6.41
C GLY A 220 -5.86 -3.98 -6.57
N LEU A 221 -5.25 -2.99 -5.93
CA LEU A 221 -5.79 -1.60 -5.93
C LEU A 221 -5.02 -0.75 -6.98
N GLY A 222 -5.79 0.05 -7.70
CA GLY A 222 -5.22 1.05 -8.59
C GLY A 222 -5.91 2.38 -8.34
N GLY A 223 -5.40 3.40 -9.05
CA GLY A 223 -6.05 4.68 -9.00
C GLY A 223 -5.55 5.64 -7.96
N LYS A 224 -6.43 6.57 -7.50
CA LYS A 224 -5.99 7.62 -6.62
C LYS A 224 -5.44 7.11 -5.32
N TYR A 225 -5.92 5.96 -4.87
CA TYR A 225 -5.39 5.36 -3.67
C TYR A 225 -3.88 5.25 -3.66
N ILE A 226 -3.28 5.01 -4.85
CA ILE A 226 -1.93 4.51 -4.90
C ILE A 226 -0.89 5.46 -5.47
N LEU A 227 -1.29 6.70 -5.74
CA LEU A 227 -0.33 7.67 -6.35
C LEU A 227 0.93 7.88 -5.47
N PRO A 228 0.78 8.16 -4.15
CA PRO A 228 2.05 8.38 -3.38
C PRO A 228 2.92 7.13 -3.31
N THR A 229 2.30 5.96 -3.25
CA THR A 229 3.03 4.67 -3.32
C THR A 229 3.80 4.57 -4.63
N ALA A 230 3.09 4.86 -5.71
CA ALA A 230 3.68 4.78 -7.05
C ALA A 230 4.87 5.73 -7.20
N LEU A 231 4.69 7.01 -6.78
CA LEU A 231 5.75 8.02 -6.89
C LEU A 231 6.98 7.58 -6.08
N ALA A 232 6.73 7.05 -4.88
CA ALA A 232 7.85 6.58 -4.04
C ALA A 232 8.63 5.46 -4.69
N ASN A 233 7.94 4.52 -5.34
CA ASN A 233 8.65 3.48 -6.01
C ASN A 233 9.41 3.97 -7.21
N VAL A 234 8.75 4.80 -7.98
CA VAL A 234 9.40 5.40 -9.16
C VAL A 234 10.69 6.09 -8.66
N ASN A 235 10.62 6.92 -7.67
CA ASN A 235 11.80 7.69 -7.27
C ASN A 235 12.85 6.77 -6.68
N ALA A 236 12.42 5.81 -5.86
CA ALA A 236 13.36 4.93 -5.20
C ALA A 236 14.18 4.19 -6.23
N PHE A 237 13.53 3.64 -7.26
CA PHE A 237 14.27 2.96 -8.32
C PHE A 237 15.00 3.90 -9.26
N TYR A 238 14.53 5.10 -9.47
CA TYR A 238 15.21 6.09 -10.27
C TYR A 238 16.56 6.38 -9.62
N ARG A 239 16.52 6.59 -8.31
CA ARG A 239 17.75 6.86 -7.56
C ARG A 239 18.73 5.68 -7.58
N ARG A 240 18.22 4.47 -7.46
CA ARG A 240 19.04 3.27 -7.30
C ARG A 240 19.51 2.62 -8.58
N CYS A 241 18.89 2.96 -9.69
CA CYS A 241 19.17 2.26 -10.98
C CYS A 241 19.54 3.33 -12.03
N PRO A 242 20.68 3.98 -11.87
CA PRO A 242 21.03 5.05 -12.77
C PRO A 242 21.27 4.66 -14.17
N ASP A 243 21.53 3.39 -14.43
CA ASP A 243 21.77 2.90 -15.77
C ASP A 243 20.54 2.31 -16.45
N LYS A 244 19.39 2.46 -15.78
CA LYS A 244 18.10 1.98 -16.27
C LYS A 244 17.12 3.12 -16.45
N LEU A 245 16.09 2.91 -17.26
CA LEU A 245 14.93 3.81 -17.32
C LEU A 245 13.92 3.31 -16.27
N VAL A 246 13.08 4.23 -15.75
CA VAL A 246 11.99 3.86 -14.90
C VAL A 246 10.76 4.33 -15.63
N PHE A 247 9.76 3.47 -15.73
CA PHE A 247 8.44 3.83 -16.29
C PHE A 247 7.47 3.94 -15.11
N GLY A 248 6.69 5.03 -15.01
CA GLY A 248 5.85 5.22 -13.88
C GLY A 248 4.47 4.71 -14.20
N CYS A 249 3.83 4.07 -13.25
CA CYS A 249 2.46 3.60 -13.35
C CYS A 249 1.82 3.71 -12.00
N GLY A 250 0.66 4.31 -11.93
CA GLY A 250 -0.11 4.31 -10.70
C GLY A 250 -0.71 5.66 -10.44
N GLY A 251 -2.02 5.74 -10.43
CA GLY A 251 -2.71 6.93 -10.02
C GLY A 251 -2.68 8.11 -10.93
N VAL A 252 -2.41 7.87 -12.24
CA VAL A 252 -2.37 8.98 -13.16
C VAL A 252 -3.83 9.24 -13.67
N TYR A 253 -4.40 10.42 -13.35
CA TYR A 253 -5.69 10.86 -13.87
C TYR A 253 -5.59 12.22 -14.57
N SER A 254 -4.43 12.85 -14.55
CA SER A 254 -4.31 14.20 -15.05
C SER A 254 -2.88 14.44 -15.47
N GLY A 255 -2.68 15.48 -16.27
CA GLY A 255 -1.33 15.88 -16.61
C GLY A 255 -0.52 16.29 -15.40
N GLU A 256 -1.12 16.82 -14.38
CA GLU A 256 -0.41 17.10 -13.12
C GLU A 256 0.15 15.79 -12.55
N ASP A 257 -0.68 14.79 -12.51
CA ASP A 257 -0.25 13.53 -11.91
C ASP A 257 0.90 12.96 -12.77
N ALA A 258 0.84 13.08 -14.08
CA ALA A 258 1.96 12.70 -14.95
C ALA A 258 3.25 13.48 -14.74
N PHE A 259 3.05 14.76 -14.52
CA PHE A 259 4.11 15.68 -14.19
C PHE A 259 4.86 15.21 -12.91
N LEU A 260 4.09 14.79 -11.90
CA LEU A 260 4.69 14.31 -10.67
C LEU A 260 5.48 13.02 -10.88
N HIS A 261 4.92 12.11 -11.68
CA HIS A 261 5.67 10.91 -12.03
C HIS A 261 7.01 11.23 -12.74
N ILE A 262 7.00 12.18 -13.68
CA ILE A 262 8.18 12.54 -14.39
C ILE A 262 9.18 13.23 -13.47
N LEU A 263 8.71 14.07 -12.59
CA LEU A 263 9.55 14.70 -11.56
C LEU A 263 10.25 13.69 -10.71
N ALA A 264 9.53 12.59 -10.39
CA ALA A 264 10.04 11.52 -9.62
C ALA A 264 11.07 10.64 -10.34
N GLY A 265 11.10 10.73 -11.66
CA GLY A 265 12.03 9.95 -12.47
C GLY A 265 11.43 9.25 -13.72
N ALA A 266 10.14 9.26 -13.91
CA ALA A 266 9.56 8.46 -14.98
C ALA A 266 9.93 8.96 -16.34
N SER A 267 10.23 7.95 -17.20
CA SER A 267 10.45 8.21 -18.65
C SER A 267 9.14 8.04 -19.40
N MET A 268 8.50 6.89 -19.36
CA MET A 268 7.14 6.72 -19.87
C MET A 268 6.18 6.75 -18.62
N VAL A 269 4.91 7.08 -18.86
CA VAL A 269 3.89 7.17 -17.85
C VAL A 269 2.71 6.33 -18.38
N GLN A 270 2.38 5.34 -17.59
CA GLN A 270 1.38 4.37 -17.94
C GLN A 270 0.06 4.73 -17.16
N VAL A 271 -1.05 4.45 -17.83
CA VAL A 271 -2.37 4.83 -17.30
C VAL A 271 -3.32 3.58 -17.29
N GLY A 272 -3.74 3.18 -16.07
CA GLY A 272 -4.56 2.01 -15.90
C GLY A 272 -5.99 2.38 -15.61
N THR A 273 -6.32 2.43 -14.32
CA THR A 273 -7.68 2.73 -13.87
C THR A 273 -8.30 3.89 -14.60
N ALA A 274 -7.60 5.04 -14.64
CA ALA A 274 -8.22 6.19 -15.30
C ALA A 274 -8.61 5.96 -16.77
N LEU A 275 -7.80 5.17 -17.45
CA LEU A 275 -8.03 4.77 -18.81
C LEU A 275 -9.22 3.82 -18.91
N GLN A 276 -9.27 2.87 -18.02
CA GLN A 276 -10.42 1.96 -17.94
C GLN A 276 -11.69 2.73 -17.71
N GLU A 277 -11.66 3.80 -16.94
CA GLU A 277 -12.83 4.59 -16.57
C GLU A 277 -13.19 5.55 -17.64
N GLU A 278 -12.24 6.23 -18.23
CA GLU A 278 -12.52 7.36 -19.16
C GLU A 278 -12.47 6.96 -20.59
N GLY A 279 -11.73 5.91 -20.94
CA GLY A 279 -11.52 5.48 -22.25
C GLY A 279 -10.36 6.23 -22.93
N PRO A 280 -10.00 5.90 -24.17
CA PRO A 280 -8.78 6.34 -24.81
C PRO A 280 -8.68 7.81 -25.15
N GLY A 281 -9.82 8.52 -25.13
CA GLY A 281 -9.77 9.96 -25.19
C GLY A 281 -8.95 10.57 -24.11
N ILE A 282 -8.73 9.83 -23.00
CA ILE A 282 -7.94 10.38 -21.91
C ILE A 282 -6.57 10.84 -22.42
N PHE A 283 -5.98 10.20 -23.44
CA PHE A 283 -4.62 10.55 -23.84
C PHE A 283 -4.52 11.93 -24.40
N THR A 284 -5.49 12.42 -25.10
CA THR A 284 -5.40 13.77 -25.61
C THR A 284 -5.48 14.76 -24.50
N ARG A 285 -6.34 14.53 -23.51
CA ARG A 285 -6.40 15.36 -22.32
C ARG A 285 -5.12 15.38 -21.54
N LEU A 286 -4.53 14.22 -21.27
CA LEU A 286 -3.30 14.18 -20.48
C LEU A 286 -2.17 14.92 -21.20
N GLU A 287 -2.08 14.80 -22.51
CA GLU A 287 -1.07 15.50 -23.30
C GLU A 287 -1.27 17.02 -23.18
N ASP A 288 -2.50 17.46 -23.33
CA ASP A 288 -2.78 18.90 -23.30
C ASP A 288 -2.46 19.43 -21.92
N GLU A 289 -2.91 18.70 -20.84
CA GLU A 289 -2.68 19.13 -19.49
C GLU A 289 -1.20 19.17 -19.15
N LEU A 290 -0.45 18.15 -19.55
CA LEU A 290 1.01 18.16 -19.26
C LEU A 290 1.69 19.31 -19.99
N LEU A 291 1.33 19.58 -21.24
CA LEU A 291 1.98 20.68 -22.02
C LEU A 291 1.61 22.00 -21.33
N GLU A 292 0.39 22.14 -20.81
CA GLU A 292 -0.05 23.35 -20.12
C GLU A 292 0.73 23.62 -18.88
N ILE A 293 0.96 22.62 -18.07
CA ILE A 293 1.81 22.79 -16.90
C ILE A 293 3.29 23.14 -17.27
N MET A 294 3.82 22.48 -18.28
CA MET A 294 5.18 22.78 -18.78
C MET A 294 5.24 24.26 -19.19
N ALA A 295 4.26 24.67 -19.95
CA ALA A 295 4.26 26.06 -20.48
C ALA A 295 4.20 27.06 -19.34
N ARG A 296 3.39 26.79 -18.31
CA ARG A 296 3.26 27.72 -17.17
C ARG A 296 4.57 27.80 -16.44
N LYS A 297 5.35 26.72 -16.41
CA LYS A 297 6.59 26.68 -15.73
C LYS A 297 7.78 27.11 -16.53
N GLY A 298 7.61 27.26 -17.85
CA GLY A 298 8.74 27.51 -18.72
C GLY A 298 9.56 26.35 -19.18
N TYR A 299 9.05 25.10 -19.00
CA TYR A 299 9.79 23.98 -19.45
C TYR A 299 9.46 23.63 -20.90
N ARG A 300 10.47 23.47 -21.68
CA ARG A 300 10.33 23.06 -23.06
C ARG A 300 10.50 21.57 -23.33
N THR A 301 11.12 20.81 -22.43
CA THR A 301 11.37 19.42 -22.61
C THR A 301 11.03 18.66 -21.34
N LEU A 302 10.83 17.36 -21.48
CA LEU A 302 10.70 16.49 -20.34
C LEU A 302 12.02 16.31 -19.61
N GLU A 303 13.13 16.29 -20.35
CA GLU A 303 14.43 16.10 -19.75
C GLU A 303 14.80 17.21 -18.78
N GLU A 304 14.24 18.38 -18.95
CA GLU A 304 14.54 19.53 -18.09
C GLU A 304 14.15 19.25 -16.64
N PHE A 305 13.08 18.48 -16.47
CA PHE A 305 12.61 18.23 -15.10
C PHE A 305 12.53 16.75 -14.68
N ARG A 306 12.82 15.80 -15.56
CA ARG A 306 12.68 14.41 -15.16
C ARG A 306 13.67 14.08 -14.03
N GLY A 307 13.17 13.54 -12.92
CA GLY A 307 14.00 13.13 -11.85
C GLY A 307 14.38 14.29 -10.93
N ARG A 308 13.91 15.48 -11.24
CA ARG A 308 14.38 16.69 -10.54
C ARG A 308 13.52 17.14 -9.39
N VAL A 309 12.74 16.21 -8.82
CA VAL A 309 12.00 16.51 -7.59
C VAL A 309 13.02 17.06 -6.57
N LYS A 310 12.60 18.15 -5.94
CA LYS A 310 13.42 18.74 -4.87
C LYS A 310 13.18 18.12 -3.51
N THR A 311 14.26 17.97 -2.72
CA THR A 311 14.13 17.57 -1.30
C THR A 311 14.35 18.76 -0.45
N ILE A 312 14.01 18.68 0.79
CA ILE A 312 14.10 19.82 1.71
C ILE A 312 15.39 19.70 2.52
N GLU A 313 16.23 20.73 2.41
CA GLU A 313 17.55 20.84 3.09
C GLU A 313 18.24 19.52 3.17
N MET B 1 -30.55 0.77 21.23
CA MET B 1 -29.34 0.72 20.32
C MET B 1 -28.11 1.23 21.02
N CYS B 2 -26.95 0.56 20.90
CA CYS B 2 -25.77 1.06 21.68
C CYS B 2 -24.44 0.59 21.08
N LEU B 3 -23.46 1.42 21.32
CA LEU B 3 -22.10 1.21 20.84
C LEU B 3 -21.18 0.60 21.85
N LYS B 4 -21.72 0.20 23.01
CA LYS B 4 -20.93 -0.42 24.08
C LYS B 4 -20.28 -1.69 23.71
N LEU B 5 -19.08 -1.91 24.22
CA LEU B 5 -18.31 -3.14 24.10
C LEU B 5 -17.68 -3.50 25.42
N ASN B 6 -17.44 -4.79 25.63
CA ASN B 6 -16.75 -5.28 26.79
C ASN B 6 -15.76 -6.27 26.23
N LEU B 7 -14.51 -5.89 26.36
CA LEU B 7 -13.43 -6.76 25.88
C LEU B 7 -12.16 -6.60 26.73
N LEU B 8 -11.31 -7.60 26.73
CA LEU B 8 -10.10 -7.58 27.48
C LEU B 8 -10.35 -7.23 28.98
N ASP B 9 -11.52 -7.63 29.52
CA ASP B 9 -11.93 -7.34 30.88
C ASP B 9 -12.07 -5.86 31.17
N HIS B 10 -12.32 -5.08 30.12
CA HIS B 10 -12.68 -3.67 30.24
C HIS B 10 -13.97 -3.36 29.55
N VAL B 11 -14.55 -2.22 29.93
CA VAL B 11 -15.81 -1.72 29.35
C VAL B 11 -15.51 -0.45 28.60
N PHE B 12 -16.08 -0.36 27.40
CA PHE B 12 -15.84 0.74 26.47
C PHE B 12 -17.20 1.31 26.09
N ALA B 13 -17.38 2.62 26.20
CA ALA B 13 -18.63 3.24 25.83
C ALA B 13 -18.98 3.10 24.36
N ASN B 14 -17.88 3.03 23.56
CA ASN B 14 -17.97 2.99 22.16
C ASN B 14 -16.65 2.45 21.62
N PRO B 15 -16.57 2.10 20.33
CA PRO B 15 -15.33 1.44 19.83
C PRO B 15 -14.23 2.40 19.44
N PHE B 16 -14.49 3.67 19.51
CA PHE B 16 -13.56 4.69 18.90
C PHE B 16 -12.47 5.08 19.88
N MET B 17 -11.26 5.24 19.32
CA MET B 17 -10.11 5.73 20.07
C MET B 17 -9.16 6.40 19.10
N ASN B 18 -8.22 7.17 19.62
CA ASN B 18 -7.16 7.69 18.77
C ASN B 18 -6.30 6.56 18.29
N ALA B 19 -5.64 6.73 17.13
CA ALA B 19 -4.51 5.95 16.70
C ALA B 19 -3.26 6.39 17.39
N ALA B 20 -2.37 5.44 17.74
CA ALA B 20 -1.18 5.82 18.43
C ALA B 20 -0.46 6.85 17.59
N GLY B 21 0.11 7.85 18.28
CA GLY B 21 0.86 8.89 17.65
C GLY B 21 0.05 10.16 17.52
N VAL B 22 -1.26 10.06 17.43
CA VAL B 22 -2.13 11.25 17.24
C VAL B 22 -2.79 11.67 18.52
N LEU B 23 -2.58 12.95 18.90
CA LEU B 23 -3.18 13.54 20.08
C LEU B 23 -2.93 12.73 21.32
N CYS B 24 -1.68 12.39 21.57
CA CYS B 24 -1.34 11.52 22.72
C CYS B 24 0.05 11.55 23.18
N SER B 25 0.82 12.59 22.88
CA SER B 25 2.22 12.67 23.25
C SER B 25 2.48 13.28 24.60
N THR B 26 1.78 14.32 24.93
CA THR B 26 1.96 15.06 26.18
C THR B 26 0.84 14.83 27.15
N GLU B 27 1.03 15.22 28.37
CA GLU B 27 -0.02 15.21 29.35
C GLU B 27 -1.30 15.95 28.87
N GLU B 28 -1.08 17.13 28.31
CA GLU B 28 -2.17 17.91 27.78
C GLU B 28 -2.95 17.05 26.74
N ASP B 29 -2.22 16.42 25.82
CA ASP B 29 -2.83 15.61 24.76
C ASP B 29 -3.67 14.51 25.38
N LEU B 30 -3.10 13.81 26.39
CA LEU B 30 -3.81 12.67 26.99
C LEU B 30 -5.03 13.09 27.77
N ARG B 31 -4.96 14.24 28.48
CA ARG B 31 -6.11 14.81 29.15
C ARG B 31 -7.17 15.19 28.12
N CYS B 32 -6.78 15.71 26.98
CA CYS B 32 -7.72 16.03 25.90
C CYS B 32 -8.44 14.79 25.42
N MET B 33 -7.65 13.79 25.05
CA MET B 33 -8.28 12.54 24.65
C MET B 33 -9.21 11.98 25.72
N THR B 34 -8.82 12.06 27.01
CA THR B 34 -9.64 11.55 28.06
C THR B 34 -10.97 12.33 28.19
N ALA B 35 -10.92 13.66 27.94
CA ALA B 35 -12.10 14.54 28.00
C ALA B 35 -13.02 14.34 26.85
N SER B 36 -12.51 13.78 25.77
CA SER B 36 -13.29 13.53 24.54
C SER B 36 -14.33 12.41 24.70
N SER B 37 -15.19 12.28 23.66
CA SER B 37 -16.21 11.22 23.67
C SER B 37 -15.64 9.91 23.26
N SER B 38 -14.35 9.74 22.97
CA SER B 38 -13.86 8.44 22.61
C SER B 38 -14.06 7.38 23.65
N GLY B 39 -14.15 6.13 23.20
CA GLY B 39 -14.26 5.02 24.09
C GLY B 39 -13.03 4.59 24.85
N ALA B 40 -11.88 4.98 24.31
CA ALA B 40 -10.59 4.69 24.89
C ALA B 40 -9.56 5.67 24.32
N LEU B 41 -8.33 5.58 24.82
CA LEU B 41 -7.17 6.27 24.24
C LEU B 41 -5.95 5.43 24.34
N VAL B 42 -5.02 5.73 23.47
CA VAL B 42 -3.69 5.10 23.47
C VAL B 42 -2.62 6.18 23.51
N SER B 43 -1.57 5.95 24.26
CA SER B 43 -0.43 6.91 24.31
C SER B 43 0.50 6.77 23.17
N LYS B 44 1.23 7.84 22.85
CA LYS B 44 2.30 7.83 21.89
C LYS B 44 3.29 6.67 22.09
N SER B 45 3.62 5.98 21.00
CA SER B 45 4.65 4.93 21.09
C SER B 45 5.88 5.55 21.73
N CYS B 46 6.42 4.85 22.75
CA CYS B 46 7.55 5.42 23.48
C CYS B 46 8.77 4.50 23.48
N THR B 47 9.83 5.20 23.79
CA THR B 47 11.16 4.63 23.96
C THR B 47 11.59 4.87 25.39
N SER B 48 12.66 4.14 25.78
CA SER B 48 13.08 4.31 27.14
C SER B 48 13.58 5.74 27.44
N ALA B 49 14.27 6.34 26.49
CA ALA B 49 14.70 7.73 26.63
C ALA B 49 13.74 8.65 25.84
N PRO B 50 13.60 9.88 26.30
CA PRO B 50 12.89 10.87 25.47
C PRO B 50 13.61 11.02 24.11
N ARG B 51 12.79 11.37 23.08
CA ARG B 51 13.28 11.66 21.74
C ARG B 51 12.66 12.90 21.22
N ASP B 52 13.50 13.73 20.54
CA ASP B 52 12.95 14.89 19.86
C ASP B 52 12.34 14.52 18.48
N GLY B 53 12.70 13.36 17.93
CA GLY B 53 12.23 13.02 16.60
C GLY B 53 12.96 13.73 15.50
N ASN B 54 12.39 13.59 14.30
CA ASN B 54 13.06 14.10 13.13
C ASN B 54 12.83 15.60 12.93
N PRO B 55 13.66 16.19 12.07
CA PRO B 55 13.38 17.59 11.73
C PRO B 55 12.08 17.82 11.00
N GLU B 56 11.56 19.01 11.21
CA GLU B 56 10.32 19.46 10.63
C GLU B 56 10.61 20.15 9.31
N PRO B 57 9.65 20.10 8.38
CA PRO B 57 8.33 19.45 8.45
C PRO B 57 8.39 17.98 8.37
N ARG B 58 7.62 17.32 9.22
CA ARG B 58 7.65 15.86 9.29
C ARG B 58 6.29 15.22 9.24
N TYR B 59 5.25 16.01 9.16
CA TYR B 59 3.87 15.57 8.95
C TYR B 59 3.20 16.60 8.04
N MET B 60 2.46 16.06 7.05
CA MET B 60 1.65 16.87 6.22
C MET B 60 0.35 16.15 5.81
N ALA B 61 -0.73 16.92 5.73
CA ALA B 61 -2.05 16.34 5.37
C ALA B 61 -2.62 17.07 4.16
N PHE B 62 -3.43 16.30 3.44
CA PHE B 62 -4.01 16.70 2.18
C PHE B 62 -5.39 16.07 2.07
N PRO B 63 -6.16 16.43 1.04
CA PRO B 63 -7.52 15.93 0.98
C PRO B 63 -7.71 14.41 1.09
N LEU B 64 -6.72 13.67 0.57
CA LEU B 64 -6.88 12.22 0.56
C LEU B 64 -6.07 11.56 1.67
N GLY B 65 -5.36 12.30 2.50
CA GLY B 65 -4.68 11.69 3.65
C GLY B 65 -3.45 12.35 4.05
N SER B 66 -2.52 11.67 4.69
CA SER B 66 -1.38 12.28 5.33
C SER B 66 -0.10 11.44 4.99
N ILE B 67 1.02 12.06 5.19
CA ILE B 67 2.36 11.46 5.18
C ILE B 67 3.15 11.91 6.37
N ASN B 68 3.89 10.98 6.97
CA ASN B 68 4.65 11.39 8.15
C ASN B 68 5.95 10.60 8.21
N SER B 69 6.96 11.26 8.69
CA SER B 69 8.16 10.63 9.17
C SER B 69 8.54 11.28 10.47
N MET B 70 7.76 11.08 11.52
CA MET B 70 7.94 11.79 12.76
C MET B 70 9.26 11.43 13.43
N GLY B 71 9.72 10.17 13.35
CA GLY B 71 10.96 9.75 14.04
C GLY B 71 10.78 9.41 15.47
N LEU B 72 9.58 9.06 15.87
CA LEU B 72 9.25 8.65 17.17
C LEU B 72 9.57 9.72 18.24
N PRO B 73 9.14 10.93 18.05
CA PRO B 73 9.24 11.89 19.16
C PRO B 73 8.37 11.49 20.31
N ASN B 74 8.91 11.47 21.55
CA ASN B 74 8.09 11.10 22.68
C ASN B 74 8.78 11.50 23.96
N LEU B 75 8.01 11.54 25.04
CA LEU B 75 8.51 12.04 26.32
C LEU B 75 9.26 10.99 27.14
N GLY B 76 9.37 9.78 26.60
CA GLY B 76 10.12 8.71 27.30
C GLY B 76 9.16 7.90 28.11
N PHE B 77 9.51 6.63 28.26
CA PHE B 77 8.78 5.68 28.99
C PHE B 77 8.37 6.11 30.37
N ASP B 78 9.29 6.67 31.12
CA ASP B 78 8.93 6.97 32.48
C ASP B 78 7.70 7.90 32.55
N PHE B 79 7.63 8.87 31.65
CA PHE B 79 6.46 9.74 31.61
C PHE B 79 5.15 9.03 31.35
N TYR B 80 5.17 8.16 30.32
CA TYR B 80 3.93 7.41 30.03
C TYR B 80 3.52 6.41 31.11
N LEU B 81 4.53 5.86 31.80
CA LEU B 81 4.31 4.95 32.92
C LEU B 81 3.70 5.70 34.08
N LYS B 82 4.22 6.91 34.37
CA LYS B 82 3.66 7.80 35.40
C LYS B 82 2.23 8.21 35.08
N TYR B 83 1.98 8.52 33.83
CA TYR B 83 0.62 8.88 33.38
C TYR B 83 -0.32 7.68 33.73
N ALA B 84 0.07 6.48 33.34
CA ALA B 84 -0.74 5.28 33.58
C ALA B 84 -0.89 4.97 35.08
N SER B 85 0.16 5.20 35.84
CA SER B 85 0.21 4.77 37.23
C SER B 85 -0.48 5.80 38.12
N ASP B 86 -0.36 7.08 37.88
CA ASP B 86 -0.75 8.09 38.79
C ASP B 86 -1.71 9.14 38.22
N LEU B 87 -1.71 9.40 36.89
CA LEU B 87 -2.47 10.56 36.37
C LEU B 87 -3.79 10.20 35.68
N HIS B 88 -3.84 9.07 34.95
CA HIS B 88 -5.04 8.74 34.17
C HIS B 88 -6.23 8.42 35.07
N ASP B 89 -7.40 8.94 34.67
CA ASP B 89 -8.63 8.62 35.35
C ASP B 89 -9.30 7.47 34.65
N TYR B 90 -9.14 6.29 35.23
CA TYR B 90 -9.66 5.06 34.73
C TYR B 90 -11.18 4.98 34.83
N SER B 91 -11.78 5.89 35.59
CA SER B 91 -13.24 5.91 35.61
C SER B 91 -13.79 6.60 34.36
N LYS B 92 -12.95 7.27 33.56
CA LYS B 92 -13.47 7.93 32.36
C LYS B 92 -13.47 6.93 31.20
N LYS B 93 -12.33 6.28 30.98
CA LYS B 93 -12.23 5.31 29.95
C LYS B 93 -10.92 4.53 30.09
N PRO B 94 -10.80 3.40 29.38
CA PRO B 94 -9.55 2.65 29.41
C PRO B 94 -8.44 3.29 28.68
N LEU B 95 -7.24 2.97 29.13
CA LEU B 95 -6.01 3.40 28.56
C LEU B 95 -5.19 2.27 28.03
N PHE B 96 -4.67 2.48 26.81
CA PHE B 96 -3.64 1.70 26.21
C PHE B 96 -2.34 2.46 26.22
N LEU B 97 -1.19 1.74 26.47
CA LEU B 97 0.09 2.35 26.38
C LEU B 97 0.84 1.67 25.26
N SER B 98 1.31 2.44 24.27
CA SER B 98 2.03 1.88 23.14
C SER B 98 3.51 1.98 23.38
N ILE B 99 4.25 0.91 23.12
CA ILE B 99 5.69 0.94 23.24
C ILE B 99 6.36 0.62 21.92
N SER B 100 7.47 1.23 21.63
CA SER B 100 8.20 1.01 20.41
C SER B 100 9.68 1.15 20.60
N GLY B 101 10.23 0.25 21.42
CA GLY B 101 11.67 0.23 21.62
C GLY B 101 12.40 -0.09 20.29
N LEU B 102 13.66 0.35 20.28
CA LEU B 102 14.51 0.29 19.10
C LEU B 102 15.28 -1.04 19.05
N SER B 103 15.10 -1.88 20.05
CA SER B 103 15.72 -3.18 20.13
C SER B 103 14.81 -4.07 20.98
N VAL B 104 14.99 -5.38 20.89
CA VAL B 104 14.24 -6.27 21.74
C VAL B 104 14.58 -6.01 23.20
N GLU B 105 15.86 -5.71 23.59
CA GLU B 105 16.08 -5.49 25.00
C GLU B 105 15.43 -4.24 25.56
N GLU B 106 15.34 -3.22 24.73
CA GLU B 106 14.65 -1.94 25.14
C GLU B 106 13.17 -2.29 25.40
N ASN B 107 12.57 -3.03 24.50
CA ASN B 107 11.11 -3.40 24.77
C ASN B 107 10.97 -4.23 26.02
N VAL B 108 11.86 -5.23 26.22
CA VAL B 108 11.84 -6.06 27.38
C VAL B 108 11.92 -5.24 28.70
N ALA B 109 12.83 -4.27 28.75
CA ALA B 109 13.03 -3.44 29.91
C ALA B 109 11.82 -2.62 30.22
N MET B 110 11.18 -2.15 29.16
CA MET B 110 9.94 -1.38 29.40
C MET B 110 8.79 -2.29 29.90
N VAL B 111 8.55 -3.43 29.23
CA VAL B 111 7.39 -4.21 29.63
C VAL B 111 7.58 -4.83 31.04
N ARG B 112 8.84 -5.06 31.39
CA ARG B 112 9.04 -5.49 32.78
C ARG B 112 8.55 -4.57 33.84
N ARG B 113 8.76 -3.28 33.59
CA ARG B 113 8.33 -2.23 34.48
C ARG B 113 6.88 -1.83 34.31
N LEU B 114 6.34 -2.03 33.11
CA LEU B 114 4.86 -1.82 32.92
C LEU B 114 3.98 -2.87 33.58
N ALA B 115 4.47 -4.11 33.60
CA ALA B 115 3.67 -5.20 34.14
C ALA B 115 2.95 -4.88 35.43
N PRO B 116 3.66 -4.46 36.46
CA PRO B 116 2.88 -4.29 37.72
C PRO B 116 1.83 -3.18 37.69
N VAL B 117 2.03 -2.16 36.85
CA VAL B 117 1.07 -1.14 36.64
C VAL B 117 -0.10 -1.66 35.83
N ALA B 118 0.16 -2.46 34.83
CA ALA B 118 -0.91 -3.16 34.09
C ALA B 118 -1.77 -3.99 35.00
N GLN B 119 -1.12 -4.78 35.91
CA GLN B 119 -1.88 -5.63 36.83
C GLN B 119 -2.67 -4.83 37.80
N GLU B 120 -2.17 -3.75 38.36
CA GLU B 120 -2.86 -2.99 39.36
C GLU B 120 -3.86 -2.00 38.83
N LYS B 121 -3.52 -1.33 37.73
CA LYS B 121 -4.35 -0.23 37.22
C LYS B 121 -5.14 -0.62 35.95
N GLY B 122 -4.76 -1.68 35.28
CA GLY B 122 -5.50 -2.17 34.11
C GLY B 122 -5.09 -1.45 32.80
N VAL B 123 -4.01 -0.65 32.79
CA VAL B 123 -3.47 -0.21 31.49
C VAL B 123 -3.17 -1.34 30.61
N LEU B 124 -3.48 -1.24 29.30
CA LEU B 124 -3.29 -2.30 28.34
C LEU B 124 -2.12 -2.01 27.41
N LEU B 125 -1.25 -2.95 27.17
CA LEU B 125 -0.15 -2.74 26.29
C LEU B 125 -0.44 -2.97 24.84
N GLU B 126 -0.04 -2.02 23.98
CA GLU B 126 0.03 -2.20 22.50
C GLU B 126 1.51 -2.14 22.12
N LEU B 127 2.05 -3.25 21.67
CA LEU B 127 3.44 -3.31 21.22
C LEU B 127 3.52 -2.96 19.74
N ASN B 128 4.29 -1.92 19.39
CA ASN B 128 4.40 -1.51 18.00
C ASN B 128 5.46 -2.34 17.33
N LEU B 129 5.02 -3.19 16.38
CA LEU B 129 5.96 -4.03 15.63
C LEU B 129 6.30 -3.42 14.31
N SER B 130 5.74 -2.24 13.95
CA SER B 130 5.82 -1.64 12.58
C SER B 130 6.70 -0.62 12.87
N CYS B 131 7.95 -0.99 13.12
CA CYS B 131 8.89 -0.15 13.66
C CYS B 131 10.35 -0.62 13.21
N PRO B 132 11.31 0.32 12.98
CA PRO B 132 12.74 -0.13 12.81
C PRO B 132 13.47 -1.06 13.83
N ASN B 133 14.28 -1.96 13.27
CA ASN B 133 15.19 -2.79 14.06
C ASN B 133 16.58 -2.35 13.57
N VAL B 134 17.38 -3.29 13.11
CA VAL B 134 18.70 -2.89 12.63
C VAL B 134 18.58 -2.09 11.34
N PRO B 135 19.14 -0.84 11.24
CA PRO B 135 19.01 -0.25 9.89
C PRO B 135 19.67 -1.08 8.74
N GLY B 136 19.00 -1.09 7.61
CA GLY B 136 19.27 -1.99 6.50
C GLY B 136 18.58 -3.33 6.53
N LYS B 137 17.84 -3.57 7.63
CA LYS B 137 16.95 -4.71 7.66
C LYS B 137 15.53 -4.06 7.58
N PRO B 138 14.60 -4.88 7.17
CA PRO B 138 13.19 -4.45 7.20
C PRO B 138 12.68 -4.21 8.53
N GLN B 139 11.60 -3.45 8.61
CA GLN B 139 10.95 -3.20 9.92
C GLN B 139 10.63 -4.57 10.56
N VAL B 140 10.48 -4.58 11.88
CA VAL B 140 10.40 -5.83 12.60
C VAL B 140 9.28 -6.73 12.09
N ALA B 141 8.09 -6.17 11.84
CA ALA B 141 7.01 -7.06 11.35
C ALA B 141 7.08 -7.52 9.90
N TYR B 142 8.04 -6.99 9.20
CA TYR B 142 8.42 -7.50 7.92
C TYR B 142 9.59 -8.47 7.95
N ASP B 143 10.06 -8.83 9.13
CA ASP B 143 11.13 -9.79 9.32
C ASP B 143 10.62 -10.82 10.28
N PHE B 144 10.07 -11.93 9.78
CA PHE B 144 9.28 -12.82 10.63
C PHE B 144 10.06 -13.48 11.74
N GLU B 145 11.35 -13.70 11.51
CA GLU B 145 12.19 -14.18 12.59
C GLU B 145 12.41 -13.18 13.68
N ALA B 146 12.62 -11.91 13.33
CA ALA B 146 12.74 -10.91 14.32
C ALA B 146 11.42 -10.79 15.05
N MET B 147 10.29 -10.75 14.33
CA MET B 147 8.99 -10.64 14.97
C MET B 147 8.79 -11.75 16.01
N ARG B 148 9.09 -12.99 15.64
CA ARG B 148 8.98 -14.10 16.61
C ARG B 148 9.84 -13.88 17.85
N THR B 149 11.08 -13.40 17.67
CA THR B 149 11.95 -13.11 18.80
C THR B 149 11.36 -12.04 19.70
N TYR B 150 10.88 -10.97 19.09
CA TYR B 150 10.32 -9.91 19.89
C TYR B 150 9.16 -10.42 20.70
N LEU B 151 8.23 -11.18 20.08
CA LEU B 151 7.06 -11.69 20.79
C LEU B 151 7.40 -12.72 21.86
N GLN B 152 8.37 -13.57 21.59
CA GLN B 152 8.81 -14.53 22.62
C GLN B 152 9.38 -13.84 23.87
N GLN B 153 10.20 -12.82 23.60
CA GLN B 153 10.85 -12.11 24.69
C GLN B 153 9.91 -11.23 25.46
N VAL B 154 9.02 -10.52 24.75
CA VAL B 154 8.06 -9.74 25.43
C VAL B 154 7.06 -10.57 26.17
N SER B 155 6.63 -11.69 25.59
CA SER B 155 5.68 -12.57 26.31
C SER B 155 6.29 -13.04 27.61
N LEU B 156 7.56 -13.46 27.59
CA LEU B 156 8.17 -13.94 28.81
C LEU B 156 8.39 -12.82 29.87
N ALA B 157 8.71 -11.64 29.44
CA ALA B 157 9.04 -10.54 30.30
C ALA B 157 7.82 -9.90 30.90
N TYR B 158 6.72 -9.90 30.12
CA TYR B 158 5.57 -9.17 30.56
C TYR B 158 4.59 -10.06 31.33
N GLY B 159 4.28 -11.19 30.72
CA GLY B 159 3.46 -12.24 31.36
C GLY B 159 1.96 -12.03 31.47
N LEU B 160 1.42 -11.01 30.78
CA LEU B 160 0.03 -10.58 30.81
C LEU B 160 -0.48 -10.40 29.37
N PRO B 161 -1.77 -10.47 29.19
CA PRO B 161 -2.36 -10.23 27.86
C PRO B 161 -1.90 -8.86 27.35
N PHE B 162 -1.56 -8.82 26.04
CA PHE B 162 -1.18 -7.56 25.39
C PHE B 162 -1.61 -7.66 23.92
N GLY B 163 -1.47 -6.58 23.18
CA GLY B 163 -1.70 -6.58 21.77
C GLY B 163 -0.54 -6.03 20.99
N VAL B 164 -0.64 -6.15 19.67
CA VAL B 164 0.37 -5.78 18.73
C VAL B 164 -0.20 -4.86 17.63
N LYS B 165 0.57 -3.87 17.26
CA LYS B 165 0.25 -2.94 16.15
C LYS B 165 1.04 -3.40 14.94
N MET B 166 0.38 -3.80 13.85
CA MET B 166 1.02 -4.35 12.66
C MET B 166 1.02 -3.41 11.49
N PRO B 167 2.06 -3.41 10.68
CA PRO B 167 2.04 -2.74 9.43
C PRO B 167 1.09 -3.49 8.50
N PRO B 168 0.68 -2.86 7.42
CA PRO B 168 -0.08 -3.56 6.39
C PRO B 168 0.81 -4.55 5.62
N TYR B 169 0.19 -5.66 5.23
CA TYR B 169 0.78 -6.62 4.28
C TYR B 169 -0.04 -6.59 2.98
N PHE B 170 0.63 -7.05 1.91
CA PHE B 170 0.15 -6.92 0.55
C PHE B 170 0.14 -8.23 -0.28
N ASP B 171 0.59 -9.30 0.38
CA ASP B 171 0.84 -10.63 -0.24
C ASP B 171 0.13 -11.63 0.74
N ILE B 172 -0.64 -12.56 0.18
CA ILE B 172 -1.36 -13.57 0.90
C ILE B 172 -0.39 -14.43 1.70
N ALA B 173 0.81 -14.65 1.15
CA ALA B 173 1.81 -15.48 1.87
C ALA B 173 2.23 -14.82 3.13
N HIS B 174 2.30 -13.48 3.13
CA HIS B 174 2.62 -12.72 4.31
C HIS B 174 1.48 -12.73 5.34
N PHE B 175 0.24 -12.56 4.87
CA PHE B 175 -0.90 -12.72 5.79
C PHE B 175 -0.77 -14.07 6.47
N ASP B 176 -0.54 -15.15 5.69
CA ASP B 176 -0.50 -16.44 6.27
C ASP B 176 0.59 -16.58 7.30
N THR B 177 1.78 -16.20 6.94
CA THR B 177 2.96 -16.29 7.85
C THR B 177 2.83 -15.42 9.06
N ALA B 178 2.44 -14.18 8.85
CA ALA B 178 2.28 -13.28 9.96
C ALA B 178 1.28 -13.77 11.01
N ALA B 179 0.11 -14.25 10.59
CA ALA B 179 -0.89 -14.72 11.47
C ALA B 179 -0.43 -15.98 12.14
N ALA B 180 0.30 -16.81 11.42
CA ALA B 180 0.79 -18.06 12.06
C ALA B 180 1.77 -17.70 13.21
N VAL B 181 2.65 -16.72 13.00
CA VAL B 181 3.57 -16.25 14.03
C VAL B 181 2.75 -15.72 15.20
N LEU B 182 1.76 -14.83 14.97
CA LEU B 182 1.00 -14.31 16.09
C LEU B 182 0.29 -15.41 16.85
N ASN B 183 -0.22 -16.38 16.13
CA ASN B 183 -0.98 -17.44 16.77
C ASN B 183 -0.10 -18.39 17.62
N GLU B 184 1.18 -18.22 17.51
CA GLU B 184 2.11 -18.91 18.47
C GLU B 184 2.09 -18.37 19.87
N PHE B 185 1.56 -17.14 20.05
CA PHE B 185 1.60 -16.42 21.30
C PHE B 185 0.24 -16.20 21.88
N PRO B 186 -0.16 -17.02 22.88
CA PRO B 186 -1.43 -16.88 23.47
C PRO B 186 -1.65 -15.59 24.27
N LEU B 187 -0.59 -14.93 24.71
CA LEU B 187 -0.76 -13.67 25.39
C LEU B 187 -1.09 -12.50 24.43
N VAL B 188 -0.89 -12.72 23.13
CA VAL B 188 -1.31 -11.66 22.16
C VAL B 188 -2.80 -11.77 21.94
N LYS B 189 -3.55 -10.93 22.60
CA LYS B 189 -4.97 -10.98 22.64
C LYS B 189 -5.64 -10.05 21.67
N PHE B 190 -4.93 -9.07 21.18
CA PHE B 190 -5.50 -8.18 20.13
C PHE B 190 -4.42 -7.84 19.12
N VAL B 191 -4.89 -7.61 17.87
CA VAL B 191 -4.01 -7.26 16.78
C VAL B 191 -4.57 -6.04 16.09
N THR B 192 -3.80 -4.95 16.08
CA THR B 192 -4.27 -3.71 15.49
C THR B 192 -3.72 -3.58 14.09
N CYS B 193 -4.65 -3.55 13.13
CA CYS B 193 -4.34 -3.53 11.71
C CYS B 193 -4.98 -2.25 11.19
N VAL B 194 -4.25 -1.25 10.73
CA VAL B 194 -2.86 -1.22 10.35
C VAL B 194 -2.19 0.08 10.77
N ASN B 195 -0.86 -0.01 10.91
CA ASN B 195 0.03 1.16 10.88
C ASN B 195 0.00 1.81 9.50
N SER B 196 0.74 2.93 9.32
CA SER B 196 0.81 3.61 8.06
C SER B 196 1.34 2.73 6.94
N VAL B 197 0.90 2.97 5.73
CA VAL B 197 1.42 2.31 4.59
C VAL B 197 2.82 2.95 4.29
N GLY B 198 3.82 2.12 4.39
CA GLY B 198 5.20 2.63 4.52
C GLY B 198 5.78 3.22 3.27
N ASN B 199 6.57 4.26 3.52
CA ASN B 199 7.41 4.82 2.49
C ASN B 199 6.73 5.23 1.20
N GLY B 200 5.64 5.92 1.33
CA GLY B 200 5.03 6.66 0.24
C GLY B 200 5.81 7.93 -0.02
N LEU B 201 5.46 8.68 -1.09
CA LEU B 201 6.13 9.91 -1.46
C LEU B 201 5.09 10.86 -1.97
N VAL B 202 4.86 11.96 -1.25
CA VAL B 202 4.01 13.00 -1.76
C VAL B 202 4.88 14.13 -2.31
N ILE B 203 4.48 14.58 -3.49
CA ILE B 203 5.18 15.67 -4.22
C ILE B 203 4.16 16.74 -4.54
N ASP B 204 4.56 17.96 -4.27
CA ASP B 204 3.79 19.15 -4.56
C ASP B 204 4.15 19.70 -5.95
N ALA B 205 3.20 19.70 -6.87
CA ALA B 205 3.44 20.08 -8.24
C ALA B 205 3.91 21.53 -8.41
N GLU B 206 3.40 22.45 -7.62
CA GLU B 206 3.78 23.85 -7.87
C GLU B 206 5.24 24.09 -7.49
N SER B 207 5.67 23.57 -6.33
CA SER B 207 7.00 23.79 -5.86
C SER B 207 7.99 22.79 -6.36
N GLU B 208 7.45 21.69 -6.95
CA GLU B 208 8.28 20.60 -7.50
C GLU B 208 9.06 19.93 -6.40
N SER B 209 8.52 19.94 -5.21
CA SER B 209 9.26 19.45 -4.02
C SER B 209 8.46 18.41 -3.24
N VAL B 210 9.22 17.50 -2.61
CA VAL B 210 8.60 16.70 -1.54
C VAL B 210 8.09 17.63 -0.41
N VAL B 211 7.25 17.07 0.45
CA VAL B 211 6.54 17.89 1.41
C VAL B 211 7.00 17.68 2.85
N ILE B 212 7.82 16.64 3.08
CA ILE B 212 8.41 16.44 4.40
C ILE B 212 9.92 16.39 4.20
N LYS B 213 10.62 16.78 5.25
CA LYS B 213 12.04 16.88 5.24
C LYS B 213 12.80 15.61 5.44
N PRO B 214 12.43 14.79 6.40
CA PRO B 214 13.22 13.57 6.58
C PRO B 214 13.16 12.60 5.43
N LYS B 215 14.18 11.75 5.29
CA LYS B 215 14.11 10.60 4.41
C LYS B 215 13.84 11.00 2.97
N GLN B 216 14.29 12.21 2.58
CA GLN B 216 14.11 12.69 1.17
C GLN B 216 12.65 12.71 0.78
N GLY B 217 11.80 12.89 1.76
CA GLY B 217 10.34 13.05 1.55
C GLY B 217 9.55 11.77 1.71
N PHE B 218 10.18 10.63 1.93
CA PHE B 218 9.49 9.35 2.04
C PHE B 218 8.92 9.26 3.45
N GLY B 219 7.68 8.76 3.57
CA GLY B 219 7.09 8.62 4.90
C GLY B 219 5.85 7.75 4.82
N GLY B 220 5.32 7.45 6.00
CA GLY B 220 4.12 6.56 6.06
C GLY B 220 2.88 7.32 5.72
N LEU B 221 2.01 6.64 4.97
CA LEU B 221 0.76 7.22 4.49
C LEU B 221 -0.39 6.78 5.36
N GLY B 222 -1.26 7.73 5.65
CA GLY B 222 -2.51 7.47 6.33
C GLY B 222 -3.67 8.11 5.63
N GLY B 223 -4.87 7.83 6.08
CA GLY B 223 -6.04 8.45 5.61
C GLY B 223 -6.77 7.75 4.47
N LYS B 224 -7.39 8.56 3.59
CA LYS B 224 -8.28 7.97 2.57
C LYS B 224 -7.51 7.06 1.66
N TYR B 225 -6.24 7.36 1.40
CA TYR B 225 -5.40 6.48 0.58
C TYR B 225 -5.47 4.98 0.98
N ILE B 226 -5.57 4.75 2.30
CA ILE B 226 -5.25 3.40 2.85
C ILE B 226 -6.46 2.59 3.31
N LEU B 227 -7.68 3.09 3.16
CA LEU B 227 -8.84 2.39 3.74
C LEU B 227 -9.00 0.98 3.16
N PRO B 228 -8.99 0.79 1.84
CA PRO B 228 -9.10 -0.65 1.37
C PRO B 228 -7.96 -1.55 1.84
N THR B 229 -6.75 -1.02 1.96
CA THR B 229 -5.61 -1.77 2.50
C THR B 229 -5.89 -2.15 3.95
N ALA B 230 -6.37 -1.14 4.73
CA ALA B 230 -6.72 -1.38 6.17
C ALA B 230 -7.78 -2.48 6.32
N LEU B 231 -8.87 -2.39 5.54
CA LEU B 231 -9.94 -3.29 5.62
C LEU B 231 -9.42 -4.70 5.30
N ALA B 232 -8.61 -4.83 4.25
CA ALA B 232 -8.08 -6.13 3.86
C ALA B 232 -7.28 -6.77 5.02
N ASN B 233 -6.47 -5.97 5.68
CA ASN B 233 -5.66 -6.51 6.77
C ASN B 233 -6.50 -6.87 7.93
N VAL B 234 -7.46 -6.03 8.28
CA VAL B 234 -8.40 -6.37 9.38
C VAL B 234 -9.01 -7.71 9.03
N ASN B 235 -9.58 -7.84 7.85
CA ASN B 235 -10.33 -9.09 7.55
C ASN B 235 -9.41 -10.31 7.48
N ALA B 236 -8.21 -10.09 6.95
CA ALA B 236 -7.25 -11.18 6.80
C ALA B 236 -6.86 -11.72 8.18
N PHE B 237 -6.60 -10.86 9.14
CA PHE B 237 -6.27 -11.32 10.47
C PHE B 237 -7.48 -11.77 11.24
N TYR B 238 -8.64 -11.19 11.00
CA TYR B 238 -9.89 -11.67 11.64
C TYR B 238 -10.16 -13.09 11.29
N ARG B 239 -9.99 -13.42 10.01
CA ARG B 239 -10.19 -14.82 9.51
C ARG B 239 -9.08 -15.75 10.09
N ARG B 240 -7.87 -15.33 10.18
CA ARG B 240 -6.72 -16.21 10.52
C ARG B 240 -6.45 -16.34 12.01
N CYS B 241 -6.95 -15.37 12.80
CA CYS B 241 -6.73 -15.41 14.26
C CYS B 241 -7.99 -15.49 15.01
N PRO B 242 -8.69 -16.64 15.01
CA PRO B 242 -10.01 -16.70 15.60
C PRO B 242 -10.02 -16.64 17.13
N ASP B 243 -8.91 -16.83 17.79
CA ASP B 243 -8.85 -16.61 19.24
C ASP B 243 -8.33 -15.27 19.68
N LYS B 244 -8.20 -14.30 18.75
CA LYS B 244 -7.74 -12.97 19.09
C LYS B 244 -8.78 -11.95 18.65
N LEU B 245 -8.70 -10.78 19.23
CA LEU B 245 -9.47 -9.61 18.72
C LEU B 245 -8.63 -8.95 17.65
N VAL B 246 -9.35 -8.23 16.75
CA VAL B 246 -8.71 -7.37 15.82
C VAL B 246 -9.21 -5.97 16.03
N PHE B 247 -8.33 -4.98 16.14
CA PHE B 247 -8.70 -3.57 16.19
C PHE B 247 -8.41 -3.00 14.80
N GLY B 248 -9.32 -2.20 14.27
CA GLY B 248 -9.04 -1.61 12.99
C GLY B 248 -8.51 -0.24 13.06
N CYS B 249 -7.60 0.10 12.14
CA CYS B 249 -7.03 1.46 12.05
C CYS B 249 -6.72 1.68 10.58
N GLY B 250 -7.16 2.78 10.05
CA GLY B 250 -6.73 3.25 8.72
C GLY B 250 -7.92 3.79 7.96
N GLY B 251 -7.83 5.05 7.57
CA GLY B 251 -8.83 5.58 6.68
C GLY B 251 -10.15 5.92 7.24
N VAL B 252 -10.30 5.96 8.59
CA VAL B 252 -11.66 6.27 9.16
C VAL B 252 -11.81 7.79 9.22
N TYR B 253 -12.80 8.24 8.45
CA TYR B 253 -13.27 9.63 8.50
C TYR B 253 -14.72 9.74 8.83
N SER B 254 -15.45 8.65 8.87
CA SER B 254 -16.92 8.73 9.00
C SER B 254 -17.40 7.50 9.69
N GLY B 255 -18.64 7.55 10.15
CA GLY B 255 -19.27 6.40 10.78
C GLY B 255 -19.37 5.28 9.73
N GLU B 256 -19.56 5.60 8.47
CA GLU B 256 -19.58 4.57 7.42
C GLU B 256 -18.27 3.85 7.32
N ASP B 257 -17.15 4.60 7.37
CA ASP B 257 -15.86 3.94 7.30
C ASP B 257 -15.65 3.04 8.53
N ALA B 258 -16.11 3.46 9.70
CA ALA B 258 -16.08 2.64 10.85
C ALA B 258 -16.90 1.39 10.75
N PHE B 259 -18.11 1.55 10.20
CA PHE B 259 -18.99 0.39 9.96
C PHE B 259 -18.30 -0.63 9.03
N LEU B 260 -17.58 -0.20 7.99
CA LEU B 260 -16.82 -1.12 7.17
C LEU B 260 -15.75 -1.86 7.94
N HIS B 261 -14.95 -1.14 8.71
CA HIS B 261 -14.03 -1.81 9.61
C HIS B 261 -14.62 -2.88 10.47
N ILE B 262 -15.77 -2.55 11.04
CA ILE B 262 -16.44 -3.50 11.96
C ILE B 262 -16.96 -4.69 11.17
N LEU B 263 -17.59 -4.47 10.03
CA LEU B 263 -18.00 -5.61 9.15
C LEU B 263 -16.84 -6.51 8.80
N ALA B 264 -15.64 -5.92 8.63
CA ALA B 264 -14.43 -6.67 8.31
C ALA B 264 -13.91 -7.47 9.46
N GLY B 265 -14.30 -7.11 10.67
CA GLY B 265 -13.96 -7.83 11.87
C GLY B 265 -13.44 -6.95 13.03
N ALA B 266 -13.35 -5.65 12.88
CA ALA B 266 -12.81 -4.81 13.89
C ALA B 266 -13.70 -4.82 15.20
N SER B 267 -13.02 -4.84 16.35
CA SER B 267 -13.58 -4.59 17.67
C SER B 267 -13.51 -3.09 18.00
N MET B 268 -12.34 -2.63 18.35
CA MET B 268 -12.09 -1.21 18.46
C MET B 268 -11.74 -0.68 17.06
N VAL B 269 -11.97 0.64 16.89
CA VAL B 269 -11.71 1.37 15.64
C VAL B 269 -10.93 2.61 16.03
N GLN B 270 -9.76 2.69 15.47
CA GLN B 270 -8.82 3.80 15.86
C GLN B 270 -8.85 4.84 14.70
N VAL B 271 -8.57 6.09 15.05
CA VAL B 271 -8.67 7.23 14.14
C VAL B 271 -7.39 8.04 14.22
N GLY B 272 -6.64 8.10 13.12
CA GLY B 272 -5.33 8.78 13.07
C GLY B 272 -5.54 10.10 12.33
N THR B 273 -5.25 10.10 11.06
CA THR B 273 -5.23 11.28 10.22
C THR B 273 -6.49 12.13 10.42
N ALA B 274 -7.66 11.50 10.37
CA ALA B 274 -8.88 12.32 10.45
C ALA B 274 -8.95 13.08 11.76
N LEU B 275 -8.51 12.45 12.86
CA LEU B 275 -8.47 13.08 14.18
C LEU B 275 -7.43 14.19 14.20
N GLN B 276 -6.24 13.95 13.66
CA GLN B 276 -5.23 14.99 13.56
C GLN B 276 -5.81 16.18 12.81
N GLU B 277 -6.67 16.02 11.79
CA GLU B 277 -7.16 17.11 10.98
C GLU B 277 -8.35 17.79 11.61
N GLU B 278 -9.27 16.99 12.15
CA GLU B 278 -10.54 17.53 12.64
C GLU B 278 -10.51 17.90 14.12
N GLY B 279 -9.70 17.24 14.91
CA GLY B 279 -9.74 17.35 16.34
C GLY B 279 -10.71 16.45 17.01
N PRO B 280 -10.69 16.45 18.34
CA PRO B 280 -11.42 15.45 19.09
C PRO B 280 -12.91 15.45 19.01
N GLY B 281 -13.46 16.55 18.54
CA GLY B 281 -14.88 16.59 18.19
C GLY B 281 -15.28 15.57 17.21
N ILE B 282 -14.34 15.00 16.46
CA ILE B 282 -14.68 13.96 15.50
C ILE B 282 -15.40 12.83 16.20
N PHE B 283 -15.02 12.53 17.42
CA PHE B 283 -15.65 11.34 18.09
C PHE B 283 -17.13 11.42 18.27
N THR B 284 -17.68 12.60 18.50
CA THR B 284 -19.17 12.69 18.63
C THR B 284 -19.79 12.46 17.26
N ARG B 285 -19.21 12.98 16.21
CA ARG B 285 -19.68 12.80 14.85
C ARG B 285 -19.66 11.36 14.45
N LEU B 286 -18.54 10.69 14.69
CA LEU B 286 -18.40 9.31 14.28
C LEU B 286 -19.44 8.44 15.03
N GLU B 287 -19.66 8.69 16.30
CA GLU B 287 -20.67 7.96 17.09
C GLU B 287 -22.07 8.16 16.50
N ASP B 288 -22.43 9.40 16.24
CA ASP B 288 -23.74 9.73 15.67
C ASP B 288 -23.91 9.06 14.31
N GLU B 289 -22.88 9.16 13.46
CA GLU B 289 -22.96 8.60 12.12
C GLU B 289 -23.09 7.08 12.16
N LEU B 290 -22.33 6.42 13.00
CA LEU B 290 -22.41 4.96 13.09
C LEU B 290 -23.80 4.54 13.63
N LEU B 291 -24.29 5.22 14.65
CA LEU B 291 -25.65 4.94 15.18
C LEU B 291 -26.70 5.16 14.11
N GLU B 292 -26.56 6.14 13.23
CA GLU B 292 -27.57 6.35 12.21
C GLU B 292 -27.58 5.20 11.24
N ILE B 293 -26.38 4.69 10.86
CA ILE B 293 -26.31 3.55 9.93
C ILE B 293 -26.93 2.35 10.61
N MET B 294 -26.63 2.09 11.88
CA MET B 294 -27.22 0.99 12.60
C MET B 294 -28.75 1.09 12.64
N ALA B 295 -29.27 2.27 12.90
CA ALA B 295 -30.75 2.48 12.98
C ALA B 295 -31.38 2.17 11.64
N ARG B 296 -30.79 2.62 10.57
CA ARG B 296 -31.33 2.38 9.23
C ARG B 296 -31.39 0.89 8.89
N LYS B 297 -30.49 0.11 9.40
CA LYS B 297 -30.31 -1.27 9.08
C LYS B 297 -30.99 -2.16 10.13
N GLY B 298 -31.51 -1.57 11.18
CA GLY B 298 -32.06 -2.33 12.29
C GLY B 298 -31.11 -3.06 13.22
N TYR B 299 -29.84 -2.66 13.27
CA TYR B 299 -28.85 -3.22 14.16
C TYR B 299 -28.85 -2.51 15.52
N ARG B 300 -28.93 -3.31 16.57
CA ARG B 300 -28.94 -2.76 17.88
C ARG B 300 -27.60 -2.77 18.61
N THR B 301 -26.69 -3.68 18.24
CA THR B 301 -25.41 -3.75 18.84
C THR B 301 -24.36 -4.00 17.74
N LEU B 302 -23.12 -3.79 18.12
CA LEU B 302 -21.98 -4.03 17.23
C LEU B 302 -21.79 -5.52 16.89
N GLU B 303 -22.03 -6.42 17.84
CA GLU B 303 -21.86 -7.82 17.59
C GLU B 303 -22.79 -8.37 16.56
N GLU B 304 -23.90 -7.70 16.29
CA GLU B 304 -24.80 -8.17 15.28
C GLU B 304 -24.19 -8.12 13.87
N PHE B 305 -23.20 -7.30 13.64
CA PHE B 305 -22.57 -7.17 12.34
C PHE B 305 -21.06 -7.31 12.28
N ARG B 306 -20.41 -7.38 13.45
CA ARG B 306 -18.96 -7.50 13.44
C ARG B 306 -18.49 -8.75 12.75
N GLY B 307 -17.64 -8.63 11.75
CA GLY B 307 -17.07 -9.72 11.00
C GLY B 307 -18.03 -10.34 10.01
N ARG B 308 -19.18 -9.74 9.80
CA ARG B 308 -20.27 -10.30 9.00
C ARG B 308 -20.25 -9.80 7.55
N VAL B 309 -19.17 -9.19 7.12
CA VAL B 309 -18.98 -8.90 5.70
C VAL B 309 -19.36 -10.14 4.82
N LYS B 310 -20.19 -9.89 3.77
CA LYS B 310 -20.61 -10.95 2.86
C LYS B 310 -19.58 -11.09 1.79
N THR B 311 -19.35 -12.32 1.36
CA THR B 311 -18.64 -12.57 0.08
C THR B 311 -19.64 -12.91 -1.01
N ILE B 312 -19.17 -12.92 -2.25
CA ILE B 312 -20.07 -13.20 -3.39
C ILE B 312 -19.96 -14.67 -3.82
N GLU B 313 -21.11 -15.36 -3.77
CA GLU B 313 -21.35 -16.70 -4.46
C GLU B 313 -20.29 -17.74 -4.53
#